data_3RLL
#
_entry.id   3RLL
#
_cell.length_a   54.450
_cell.length_b   66.420
_cell.length_c   69.950
_cell.angle_alpha   90.00
_cell.angle_beta   90.00
_cell.angle_gamma   90.00
#
_symmetry.space_group_name_H-M   'P 21 21 21'
#
loop_
_entity.id
_entity.type
_entity.pdbx_description
1 polymer 'Androgen receptor'
2 non-polymer (2S)-3-[(4-cyanonaphthalen-1-yl)oxy]-N-[4-cyano-3-(trifluoromethyl)phenyl]-2-hydroxy-2-methylpropanamide
3 water water
#
_entity_poly.entity_id   1
_entity_poly.type   'polypeptide(L)'
_entity_poly.pdbx_seq_one_letter_code
;PIFLNVLEAIEPGVVCAGHDNNQPDSFAALLSSLNELGERQLVHVVKWAKALPGFRNLHVDDQMAVIQYSWMGLMVFAMG
WRSFTNVNSRMLYFAPDLVFNEYRMHKSRMYSQCVRMRHLSQEFGWLQITPQEFLCMKALLLFSIIPVDGLKNQKFFDEL
RMNYIKELDRIIACKRKNPTSCSRRFYQLTKLLDSVQPIARELHQFAFDLLIKSHMVSVDFPEMMAEIISVQVPKILSGK
VKPIYFH
;
_entity_poly.pdbx_strand_id   A
#
# COMPACT_ATOMS: atom_id res chain seq x y z
N ILE A 2 -20.93 11.53 -6.64
CA ILE A 2 -20.17 11.27 -7.87
C ILE A 2 -18.77 10.75 -7.58
N PHE A 3 -18.03 11.44 -6.73
CA PHE A 3 -16.68 11.04 -6.37
C PHE A 3 -16.63 9.62 -5.81
N LEU A 4 -17.46 9.35 -4.79
CA LEU A 4 -17.51 8.03 -4.17
C LEU A 4 -17.98 6.96 -5.14
N ASN A 5 -18.92 7.33 -6.01
CA ASN A 5 -19.42 6.40 -7.01
C ASN A 5 -18.22 5.92 -7.84
N VAL A 6 -17.37 6.86 -8.23
CA VAL A 6 -16.20 6.52 -9.03
C VAL A 6 -15.23 5.60 -8.27
N LEU A 7 -14.87 5.96 -7.05
CA LEU A 7 -13.93 5.13 -6.28
C LEU A 7 -14.43 3.71 -6.10
N GLU A 8 -15.73 3.57 -5.84
CA GLU A 8 -16.35 2.27 -5.65
C GLU A 8 -16.27 1.47 -6.94
N ALA A 9 -16.57 2.14 -8.05
CA ALA A 9 -16.57 1.50 -9.36
C ALA A 9 -15.21 0.99 -9.82
N ILE A 10 -14.13 1.68 -9.47
CA ILE A 10 -12.80 1.26 -9.92
C ILE A 10 -12.04 0.40 -8.90
N GLU A 11 -12.63 0.17 -7.73
CA GLU A 11 -11.96 -0.63 -6.71
C GLU A 11 -11.73 -2.03 -7.26
N PRO A 12 -10.47 -2.49 -7.28
CA PRO A 12 -10.15 -3.82 -7.80
C PRO A 12 -10.82 -4.96 -7.05
N GLY A 13 -11.09 -6.04 -7.77
CA GLY A 13 -11.70 -7.19 -7.14
C GLY A 13 -10.58 -7.92 -6.41
N VAL A 14 -10.88 -9.11 -5.91
CA VAL A 14 -9.88 -9.88 -5.19
C VAL A 14 -8.72 -10.34 -6.08
N VAL A 15 -7.51 -10.32 -5.54
CA VAL A 15 -6.33 -10.77 -6.29
C VAL A 15 -5.69 -11.92 -5.50
N CYS A 16 -5.54 -13.08 -6.14
CA CYS A 16 -4.95 -14.23 -5.46
C CYS A 16 -3.46 -14.37 -5.69
N ALA A 17 -2.78 -14.97 -4.71
CA ALA A 17 -1.33 -15.16 -4.78
C ALA A 17 -0.91 -16.38 -5.58
N GLY A 18 -1.76 -17.41 -5.58
CA GLY A 18 -1.44 -18.64 -6.28
C GLY A 18 -0.60 -19.56 -5.41
N HIS A 19 -0.58 -19.28 -4.11
CA HIS A 19 0.20 -20.04 -3.14
C HIS A 19 -0.32 -21.45 -2.94
N ASP A 20 0.59 -22.40 -2.71
CA ASP A 20 0.19 -23.79 -2.47
C ASP A 20 0.05 -23.97 -0.96
N ASN A 21 -1.19 -24.00 -0.49
CA ASN A 21 -1.46 -24.15 0.94
C ASN A 21 -1.48 -25.58 1.42
N ASN A 22 -1.14 -26.52 0.53
CA ASN A 22 -1.11 -27.93 0.88
C ASN A 22 0.32 -28.35 1.22
N GLN A 23 1.25 -27.42 1.01
CA GLN A 23 2.66 -27.68 1.26
C GLN A 23 3.06 -27.02 2.59
N PRO A 24 3.85 -27.73 3.41
CA PRO A 24 4.27 -27.14 4.69
C PRO A 24 4.86 -25.77 4.45
N ASP A 25 4.68 -24.85 5.40
CA ASP A 25 5.21 -23.51 5.27
C ASP A 25 6.73 -23.52 5.24
N SER A 26 7.29 -22.59 4.47
CA SER A 26 8.74 -22.43 4.36
C SER A 26 8.99 -20.99 3.97
N PHE A 27 10.14 -20.45 4.38
CA PHE A 27 10.49 -19.07 4.05
C PHE A 27 10.47 -18.85 2.54
N ALA A 28 11.16 -19.71 1.80
CA ALA A 28 11.23 -19.60 0.35
C ALA A 28 9.87 -19.60 -0.33
N ALA A 29 9.03 -20.55 0.02
CA ALA A 29 7.70 -20.64 -0.59
C ALA A 29 6.81 -19.45 -0.23
N LEU A 30 6.82 -19.04 1.03
CA LEU A 30 6.00 -17.91 1.46
C LEU A 30 6.45 -16.62 0.79
N LEU A 31 7.75 -16.41 0.71
CA LEU A 31 8.27 -15.20 0.09
C LEU A 31 8.08 -15.17 -1.44
N SER A 32 8.17 -16.33 -2.08
CA SER A 32 7.97 -16.35 -3.52
C SER A 32 6.51 -16.00 -3.80
N SER A 33 5.61 -16.43 -2.92
CA SER A 33 4.20 -16.13 -3.08
C SER A 33 3.90 -14.66 -2.80
N LEU A 34 4.53 -14.10 -1.77
CA LEU A 34 4.32 -12.69 -1.46
C LEU A 34 4.82 -11.84 -2.63
N ASN A 35 5.95 -12.24 -3.22
CA ASN A 35 6.49 -11.50 -4.36
C ASN A 35 5.56 -11.58 -5.56
N GLU A 36 5.08 -12.79 -5.85
CA GLU A 36 4.17 -12.99 -6.98
C GLU A 36 2.88 -12.20 -6.76
N LEU A 37 2.35 -12.26 -5.55
CA LEU A 37 1.14 -11.53 -5.21
C LEU A 37 1.35 -10.03 -5.45
N GLY A 38 2.47 -9.50 -4.95
CA GLY A 38 2.75 -8.09 -5.15
C GLY A 38 2.78 -7.72 -6.63
N GLU A 39 3.43 -8.56 -7.43
CA GLU A 39 3.54 -8.31 -8.87
C GLU A 39 2.14 -8.33 -9.52
N ARG A 40 1.30 -9.27 -9.10
CA ARG A 40 -0.06 -9.35 -9.63
C ARG A 40 -0.87 -8.12 -9.22
N GLN A 41 -0.72 -7.72 -7.97
CA GLN A 41 -1.40 -6.54 -7.46
C GLN A 41 -1.02 -5.27 -8.23
N LEU A 42 0.27 -5.09 -8.53
CA LEU A 42 0.71 -3.89 -9.25
C LEU A 42 -0.07 -3.66 -10.54
N VAL A 43 -0.31 -4.73 -11.29
CA VAL A 43 -1.05 -4.64 -12.54
C VAL A 43 -2.38 -3.91 -12.31
N HIS A 44 -3.07 -4.28 -11.23
CA HIS A 44 -4.35 -3.68 -10.90
C HIS A 44 -4.20 -2.28 -10.30
N VAL A 45 -3.11 -2.03 -9.59
CA VAL A 45 -2.89 -0.70 -9.01
C VAL A 45 -2.73 0.33 -10.15
N VAL A 46 -2.05 -0.06 -11.21
CA VAL A 46 -1.85 0.85 -12.34
C VAL A 46 -3.19 1.15 -13.03
N LYS A 47 -3.98 0.11 -13.30
CA LYS A 47 -5.27 0.30 -13.95
C LYS A 47 -6.20 1.14 -13.07
N TRP A 48 -6.12 0.89 -11.77
CA TRP A 48 -6.91 1.61 -10.79
C TRP A 48 -6.54 3.10 -10.78
N ALA A 49 -5.25 3.37 -10.57
CA ALA A 49 -4.73 4.73 -10.51
C ALA A 49 -5.09 5.57 -11.74
N LYS A 50 -4.92 4.98 -12.92
CA LYS A 50 -5.20 5.70 -14.15
C LYS A 50 -6.68 5.99 -14.39
N ALA A 51 -7.54 5.36 -13.60
CA ALA A 51 -8.98 5.55 -13.72
C ALA A 51 -9.52 6.49 -12.63
N LEU A 52 -8.61 6.99 -11.79
CA LEU A 52 -8.95 7.90 -10.70
C LEU A 52 -9.28 9.30 -11.23
N PRO A 53 -10.27 9.98 -10.64
CA PRO A 53 -10.61 11.33 -11.12
C PRO A 53 -9.39 12.25 -11.14
N GLY A 54 -9.15 12.89 -12.28
CA GLY A 54 -8.05 13.83 -12.43
C GLY A 54 -6.64 13.30 -12.56
N PHE A 55 -6.45 12.00 -12.40
CA PHE A 55 -5.11 11.42 -12.47
C PHE A 55 -4.38 11.67 -13.79
N ARG A 56 -5.13 11.67 -14.89
CA ARG A 56 -4.56 11.89 -16.21
C ARG A 56 -4.00 13.31 -16.37
N ASN A 57 -4.33 14.20 -15.43
CA ASN A 57 -3.83 15.57 -15.49
C ASN A 57 -2.33 15.60 -15.23
N LEU A 58 -1.87 14.68 -14.39
CA LEU A 58 -0.45 14.62 -14.05
C LEU A 58 0.41 14.33 -15.24
N HIS A 59 1.64 14.83 -15.22
CA HIS A 59 2.57 14.57 -16.30
C HIS A 59 2.73 13.05 -16.37
N VAL A 60 2.85 12.50 -17.58
CA VAL A 60 3.00 11.07 -17.77
C VAL A 60 4.08 10.43 -16.90
N ASP A 61 5.20 11.12 -16.72
CA ASP A 61 6.29 10.62 -15.91
C ASP A 61 5.94 10.62 -14.44
N ASP A 62 5.23 11.67 -14.01
CA ASP A 62 4.82 11.77 -12.62
C ASP A 62 3.83 10.65 -12.28
N GLN A 63 2.95 10.30 -13.22
CA GLN A 63 1.96 9.25 -13.00
C GLN A 63 2.63 7.94 -12.60
N MET A 64 3.59 7.50 -13.40
CA MET A 64 4.31 6.26 -13.16
C MET A 64 5.08 6.35 -11.84
N ALA A 65 5.72 7.50 -11.61
CA ALA A 65 6.50 7.71 -10.40
C ALA A 65 5.70 7.59 -9.10
N VAL A 66 4.59 8.31 -8.99
CA VAL A 66 3.80 8.25 -7.77
C VAL A 66 3.19 6.86 -7.55
N ILE A 67 2.82 6.17 -8.63
CA ILE A 67 2.25 4.84 -8.49
C ILE A 67 3.30 3.93 -7.85
N GLN A 68 4.52 3.98 -8.39
CA GLN A 68 5.60 3.16 -7.87
C GLN A 68 6.01 3.56 -6.44
N TYR A 69 6.07 4.85 -6.14
CA TYR A 69 6.44 5.25 -4.79
C TYR A 69 5.36 4.87 -3.77
N SER A 70 4.10 5.02 -4.17
CA SER A 70 2.97 4.73 -3.29
C SER A 70 2.49 3.29 -3.21
N TRP A 71 2.95 2.46 -4.14
CA TRP A 71 2.58 1.05 -4.22
C TRP A 71 2.56 0.28 -2.90
N MET A 72 3.66 0.32 -2.14
CA MET A 72 3.72 -0.39 -0.87
C MET A 72 2.66 0.15 0.10
N GLY A 73 2.63 1.46 0.29
CA GLY A 73 1.65 2.05 1.20
C GLY A 73 0.22 1.68 0.85
N LEU A 74 -0.10 1.70 -0.43
CA LEU A 74 -1.43 1.38 -0.89
C LEU A 74 -1.84 -0.04 -0.51
N MET A 75 -0.92 -0.98 -0.70
CA MET A 75 -1.20 -2.37 -0.39
C MET A 75 -1.27 -2.61 1.12
N VAL A 76 -0.42 -1.94 1.89
CA VAL A 76 -0.46 -2.11 3.35
C VAL A 76 -1.84 -1.68 3.84
N PHE A 77 -2.31 -0.53 3.36
CA PHE A 77 -3.61 0.01 3.76
C PHE A 77 -4.75 -0.92 3.34
N ALA A 78 -4.73 -1.36 2.09
CA ALA A 78 -5.78 -2.23 1.58
C ALA A 78 -5.77 -3.57 2.32
N MET A 79 -4.57 -4.10 2.58
CA MET A 79 -4.46 -5.37 3.28
C MET A 79 -4.99 -5.24 4.72
N GLY A 80 -4.68 -4.15 5.38
CA GLY A 80 -5.16 -3.98 6.74
C GLY A 80 -6.69 -3.95 6.77
N TRP A 81 -7.28 -3.34 5.75
CA TRP A 81 -8.74 -3.23 5.66
C TRP A 81 -9.38 -4.60 5.44
N ARG A 82 -8.80 -5.40 4.53
CA ARG A 82 -9.29 -6.74 4.24
C ARG A 82 -9.22 -7.61 5.49
N SER A 83 -8.12 -7.48 6.23
CA SER A 83 -7.91 -8.26 7.43
C SER A 83 -9.00 -7.92 8.44
N PHE A 84 -9.33 -6.64 8.53
CA PHE A 84 -10.36 -6.20 9.45
C PHE A 84 -11.75 -6.72 9.05
N THR A 85 -12.13 -6.47 7.80
CA THR A 85 -13.44 -6.89 7.32
C THR A 85 -13.62 -8.40 7.17
N ASN A 86 -12.57 -9.09 6.75
CA ASN A 86 -12.68 -10.54 6.56
C ASN A 86 -12.50 -11.42 7.78
N VAL A 87 -11.51 -11.14 8.61
CA VAL A 87 -11.24 -11.96 9.78
C VAL A 87 -11.08 -11.16 11.08
N ASN A 88 -11.67 -9.98 11.10
CA ASN A 88 -11.64 -9.09 12.26
C ASN A 88 -10.24 -8.92 12.86
N SER A 89 -9.24 -8.82 11.98
CA SER A 89 -7.85 -8.63 12.37
C SER A 89 -7.20 -9.80 13.10
N ARG A 90 -7.83 -10.97 13.04
CA ARG A 90 -7.29 -12.16 13.69
C ARG A 90 -6.02 -12.59 12.95
N MET A 91 -6.04 -12.46 11.63
CA MET A 91 -4.90 -12.84 10.80
C MET A 91 -4.69 -11.78 9.71
N LEU A 92 -3.57 -11.88 8.99
CA LEU A 92 -3.31 -10.92 7.93
C LEU A 92 -3.78 -11.50 6.61
N TYR A 93 -4.80 -10.88 6.04
CA TYR A 93 -5.41 -11.33 4.79
C TYR A 93 -4.72 -10.75 3.56
N PHE A 94 -3.53 -11.25 3.24
CA PHE A 94 -2.81 -10.76 2.07
C PHE A 94 -3.61 -11.06 0.82
N ALA A 95 -4.17 -12.27 0.78
CA ALA A 95 -4.99 -12.73 -0.33
C ALA A 95 -5.83 -13.89 0.18
N PRO A 96 -6.91 -14.23 -0.52
CA PRO A 96 -7.74 -15.35 -0.06
C PRO A 96 -6.94 -16.63 0.15
N ASP A 97 -5.88 -16.81 -0.66
CA ASP A 97 -5.04 -18.00 -0.57
C ASP A 97 -3.69 -17.73 0.06
N LEU A 98 -3.59 -16.62 0.79
CA LEU A 98 -2.36 -16.27 1.47
C LEU A 98 -2.73 -15.49 2.72
N VAL A 99 -3.19 -16.21 3.73
CA VAL A 99 -3.60 -15.62 5.00
C VAL A 99 -2.52 -15.99 6.01
N PHE A 100 -1.95 -14.97 6.66
CA PHE A 100 -0.89 -15.18 7.64
C PHE A 100 -1.33 -15.26 9.10
N ASN A 101 -1.01 -16.38 9.75
CA ASN A 101 -1.27 -16.54 11.18
C ASN A 101 0.07 -16.18 11.83
N GLU A 102 0.20 -16.29 13.14
CA GLU A 102 1.48 -15.92 13.76
C GLU A 102 2.65 -16.79 13.31
N TYR A 103 2.39 -18.06 13.03
CA TYR A 103 3.45 -18.95 12.58
C TYR A 103 4.03 -18.49 11.24
N ARG A 104 3.15 -18.07 10.34
CA ARG A 104 3.58 -17.58 9.03
C ARG A 104 4.30 -16.24 9.16
N MET A 105 3.82 -15.42 10.09
CA MET A 105 4.45 -14.13 10.33
C MET A 105 5.89 -14.35 10.73
N HIS A 106 6.10 -15.36 11.57
CA HIS A 106 7.44 -15.70 12.04
C HIS A 106 8.30 -16.37 10.97
N LYS A 107 7.73 -17.32 10.24
CA LYS A 107 8.50 -18.02 9.23
C LYS A 107 8.91 -17.14 8.06
N SER A 108 8.10 -16.11 7.78
CA SER A 108 8.40 -15.19 6.70
C SER A 108 9.52 -14.23 7.06
N ARG A 109 9.87 -14.20 8.34
CA ARG A 109 10.92 -13.31 8.86
C ARG A 109 10.48 -11.85 8.75
N MET A 110 9.18 -11.64 8.63
CA MET A 110 8.60 -10.30 8.53
C MET A 110 7.69 -10.06 9.72
N TYR A 111 7.99 -10.73 10.82
CA TYR A 111 7.16 -10.62 12.01
C TYR A 111 6.87 -9.21 12.50
N SER A 112 7.90 -8.41 12.72
CA SER A 112 7.68 -7.04 13.20
C SER A 112 6.77 -6.25 12.27
N GLN A 113 7.02 -6.33 10.97
CA GLN A 113 6.19 -5.60 10.03
C GLN A 113 4.75 -6.10 10.04
N CYS A 114 4.56 -7.41 10.15
CA CYS A 114 3.22 -7.98 10.18
C CYS A 114 2.44 -7.52 11.40
N VAL A 115 3.09 -7.50 12.57
CA VAL A 115 2.43 -7.08 13.79
C VAL A 115 1.95 -5.64 13.68
N ARG A 116 2.76 -4.80 13.05
CA ARG A 116 2.39 -3.41 12.88
C ARG A 116 1.18 -3.29 11.95
N MET A 117 1.14 -4.14 10.92
CA MET A 117 0.01 -4.13 9.99
C MET A 117 -1.24 -4.70 10.65
N ARG A 118 -1.06 -5.60 11.62
CA ARG A 118 -2.22 -6.14 12.31
C ARG A 118 -2.80 -5.05 13.22
N HIS A 119 -1.91 -4.21 13.76
CA HIS A 119 -2.34 -3.12 14.63
C HIS A 119 -3.14 -2.13 13.78
N LEU A 120 -2.66 -1.89 12.55
CA LEU A 120 -3.35 -1.00 11.63
C LEU A 120 -4.72 -1.60 11.33
N SER A 121 -4.74 -2.91 11.08
CA SER A 121 -6.00 -3.59 10.82
C SER A 121 -6.99 -3.36 11.95
N GLN A 122 -6.51 -3.43 13.19
CA GLN A 122 -7.38 -3.24 14.35
C GLN A 122 -7.89 -1.80 14.43
N GLU A 123 -7.07 -0.86 13.98
CA GLU A 123 -7.45 0.55 13.98
C GLU A 123 -8.71 0.81 13.16
N PHE A 124 -8.89 0.06 12.09
CA PHE A 124 -10.07 0.23 11.25
C PHE A 124 -11.30 -0.06 12.10
N GLY A 125 -11.18 -1.05 12.98
CA GLY A 125 -12.29 -1.40 13.85
C GLY A 125 -12.45 -0.40 14.98
N TRP A 126 -11.35 -0.09 15.66
CA TRP A 126 -11.38 0.85 16.78
C TRP A 126 -11.97 2.20 16.42
N LEU A 127 -11.55 2.74 15.27
CA LEU A 127 -12.03 4.03 14.81
C LEU A 127 -13.32 3.93 13.99
N GLN A 128 -13.83 2.70 13.80
CA GLN A 128 -15.06 2.49 13.03
C GLN A 128 -15.01 3.18 11.67
N ILE A 129 -13.93 2.93 10.95
CA ILE A 129 -13.72 3.50 9.62
C ILE A 129 -14.78 2.92 8.67
N THR A 130 -15.48 3.79 7.96
CA THR A 130 -16.51 3.35 7.03
C THR A 130 -15.87 2.98 5.70
N PRO A 131 -16.55 2.14 4.91
CA PRO A 131 -16.02 1.73 3.60
C PRO A 131 -15.71 2.94 2.72
N GLN A 132 -16.53 3.98 2.85
CA GLN A 132 -16.32 5.19 2.06
C GLN A 132 -15.09 5.97 2.52
N GLU A 133 -14.87 6.04 3.83
CA GLU A 133 -13.70 6.73 4.35
C GLU A 133 -12.48 5.95 3.89
N PHE A 134 -12.58 4.62 3.95
CA PHE A 134 -11.47 3.77 3.53
C PHE A 134 -11.12 4.09 2.08
N LEU A 135 -12.12 4.07 1.20
CA LEU A 135 -11.87 4.36 -0.21
C LEU A 135 -11.19 5.72 -0.46
N CYS A 136 -11.68 6.77 0.18
CA CYS A 136 -11.09 8.09 -0.01
C CYS A 136 -9.68 8.20 0.56
N MET A 137 -9.47 7.62 1.74
CA MET A 137 -8.16 7.63 2.36
C MET A 137 -7.15 6.89 1.50
N LYS A 138 -7.57 5.76 0.93
CA LYS A 138 -6.67 4.99 0.07
C LYS A 138 -6.28 5.80 -1.17
N ALA A 139 -7.25 6.49 -1.76
CA ALA A 139 -6.95 7.30 -2.95
C ALA A 139 -5.94 8.38 -2.58
N LEU A 140 -6.12 8.99 -1.41
CA LEU A 140 -5.23 10.04 -0.93
C LEU A 140 -3.80 9.50 -0.74
N LEU A 141 -3.68 8.24 -0.33
CA LEU A 141 -2.37 7.63 -0.13
C LEU A 141 -1.53 7.62 -1.40
N LEU A 142 -2.20 7.59 -2.55
CA LEU A 142 -1.48 7.59 -3.82
C LEU A 142 -0.79 8.94 -4.02
N PHE A 143 -1.31 9.98 -3.38
CA PHE A 143 -0.73 11.32 -3.51
C PHE A 143 -0.04 11.77 -2.22
N SER A 144 0.61 10.83 -1.54
CA SER A 144 1.27 11.14 -0.28
C SER A 144 2.77 10.82 -0.18
N ILE A 145 3.44 10.74 -1.32
CA ILE A 145 4.88 10.48 -1.33
C ILE A 145 5.49 10.99 -2.63
N ILE A 146 6.42 11.94 -2.51
CA ILE A 146 7.05 12.54 -3.67
C ILE A 146 8.53 12.86 -3.45
N PRO A 147 9.26 13.12 -4.54
CA PRO A 147 10.68 13.46 -4.48
C PRO A 147 10.89 14.79 -3.78
N VAL A 148 11.96 14.90 -3.00
CA VAL A 148 12.28 16.14 -2.30
C VAL A 148 12.52 17.23 -3.35
N ASP A 149 13.04 16.82 -4.51
CA ASP A 149 13.33 17.72 -5.62
C ASP A 149 12.09 18.11 -6.43
N GLY A 150 10.93 17.51 -6.10
CA GLY A 150 9.72 17.83 -6.83
C GLY A 150 9.48 16.98 -8.07
N LEU A 151 8.23 16.98 -8.54
CA LEU A 151 7.83 16.22 -9.72
C LEU A 151 8.02 17.06 -10.99
N LYS A 152 7.80 16.45 -12.14
CA LYS A 152 7.93 17.15 -13.43
C LYS A 152 6.96 18.33 -13.45
N ASN A 153 5.75 18.10 -12.95
CA ASN A 153 4.73 19.12 -12.90
C ASN A 153 4.15 19.10 -11.49
N GLN A 154 4.88 19.72 -10.57
CA GLN A 154 4.48 19.78 -9.18
C GLN A 154 3.12 20.45 -8.99
N LYS A 155 2.87 21.52 -9.74
CA LYS A 155 1.61 22.24 -9.64
C LYS A 155 0.38 21.36 -9.82
N PHE A 156 0.39 20.52 -10.86
CA PHE A 156 -0.76 19.67 -11.10
C PHE A 156 -0.94 18.67 -9.96
N PHE A 157 0.16 18.14 -9.43
CA PHE A 157 0.09 17.20 -8.32
C PHE A 157 -0.48 17.88 -7.08
N ASP A 158 0.01 19.08 -6.77
CA ASP A 158 -0.45 19.83 -5.60
C ASP A 158 -1.94 20.09 -5.68
N GLU A 159 -2.41 20.41 -6.88
CA GLU A 159 -3.83 20.68 -7.11
C GLU A 159 -4.64 19.41 -6.86
N LEU A 160 -4.17 18.29 -7.41
CA LEU A 160 -4.87 17.02 -7.27
C LEU A 160 -4.92 16.54 -5.81
N ARG A 161 -3.79 16.63 -5.10
CA ARG A 161 -3.75 16.22 -3.71
C ARG A 161 -4.74 17.05 -2.89
N MET A 162 -4.74 18.36 -3.14
CA MET A 162 -5.65 19.25 -2.43
C MET A 162 -7.11 18.84 -2.62
N ASN A 163 -7.47 18.55 -3.87
CA ASN A 163 -8.83 18.12 -4.21
C ASN A 163 -9.23 16.83 -3.51
N TYR A 164 -8.30 15.90 -3.37
CA TYR A 164 -8.61 14.63 -2.70
C TYR A 164 -8.79 14.86 -1.20
N ILE A 165 -8.04 15.79 -0.62
CA ILE A 165 -8.18 16.11 0.80
C ILE A 165 -9.58 16.72 0.97
N LYS A 166 -10.01 17.54 0.01
CA LYS A 166 -11.32 18.16 0.08
C LYS A 166 -12.43 17.11 0.02
N GLU A 167 -12.22 16.05 -0.74
CA GLU A 167 -13.23 14.99 -0.84
C GLU A 167 -13.33 14.26 0.50
N LEU A 168 -12.21 14.12 1.19
CA LEU A 168 -12.20 13.45 2.49
C LEU A 168 -12.99 14.34 3.44
N ASP A 169 -12.78 15.65 3.34
CA ASP A 169 -13.50 16.63 4.15
C ASP A 169 -15.00 16.42 4.02
N ARG A 170 -15.45 16.35 2.77
CA ARG A 170 -16.87 16.17 2.48
C ARG A 170 -17.46 14.90 3.04
N ILE A 171 -16.75 13.78 2.88
CA ILE A 171 -17.21 12.51 3.39
C ILE A 171 -17.34 12.55 4.91
N ILE A 172 -16.51 13.37 5.55
CA ILE A 172 -16.55 13.53 6.99
C ILE A 172 -17.75 14.39 7.39
N ALA A 173 -18.00 15.44 6.61
CA ALA A 173 -19.11 16.36 6.88
C ALA A 173 -20.47 15.73 6.58
N CYS A 182 -16.52 17.05 13.16
CA CYS A 182 -15.77 16.97 11.88
C CYS A 182 -14.26 17.12 12.09
N SER A 183 -13.88 18.12 12.89
CA SER A 183 -12.47 18.36 13.16
C SER A 183 -11.81 17.17 13.84
N ARG A 184 -12.49 16.61 14.85
CA ARG A 184 -11.94 15.45 15.56
C ARG A 184 -11.79 14.25 14.65
N ARG A 185 -12.74 14.07 13.75
CA ARG A 185 -12.70 12.96 12.81
C ARG A 185 -11.54 13.11 11.84
N PHE A 186 -11.34 14.33 11.34
CA PHE A 186 -10.26 14.60 10.40
C PHE A 186 -8.93 14.36 11.09
N TYR A 187 -8.86 14.68 12.38
CA TYR A 187 -7.65 14.47 13.15
C TYR A 187 -7.32 12.98 13.20
N GLN A 188 -8.33 12.18 13.56
CA GLN A 188 -8.15 10.74 13.66
C GLN A 188 -7.71 10.13 12.33
N LEU A 189 -8.44 10.45 11.27
CA LEU A 189 -8.13 9.91 9.94
C LEU A 189 -6.75 10.30 9.41
N THR A 190 -6.35 11.55 9.63
CA THR A 190 -5.03 11.97 9.16
C THR A 190 -3.95 11.29 9.99
N LYS A 191 -4.23 11.10 11.27
CA LYS A 191 -3.26 10.44 12.14
C LYS A 191 -3.12 8.99 11.65
N LEU A 192 -4.24 8.39 11.28
CA LEU A 192 -4.22 7.01 10.79
C LEU A 192 -3.40 6.96 9.50
N LEU A 193 -3.68 7.87 8.58
CA LEU A 193 -2.95 7.90 7.30
C LEU A 193 -1.46 8.04 7.50
N ASP A 194 -1.05 8.92 8.40
CA ASP A 194 0.37 9.12 8.69
C ASP A 194 1.00 7.81 9.18
N SER A 195 0.23 7.02 9.92
CA SER A 195 0.75 5.77 10.49
C SER A 195 1.13 4.71 9.46
N VAL A 196 0.56 4.82 8.27
CA VAL A 196 0.86 3.86 7.20
C VAL A 196 2.30 4.00 6.70
N GLN A 197 2.78 5.23 6.64
CA GLN A 197 4.12 5.50 6.11
C GLN A 197 5.28 4.77 6.80
N PRO A 198 5.36 4.81 8.14
CA PRO A 198 6.46 4.11 8.82
C PRO A 198 6.41 2.61 8.58
N ILE A 199 5.19 2.08 8.41
CA ILE A 199 5.02 0.66 8.17
C ILE A 199 5.51 0.32 6.76
N ALA A 200 5.12 1.15 5.78
CA ALA A 200 5.55 0.93 4.41
C ALA A 200 7.08 1.00 4.37
N ARG A 201 7.65 1.90 5.17
CA ARG A 201 9.11 2.06 5.22
C ARG A 201 9.80 0.77 5.65
N GLU A 202 9.29 0.12 6.70
CA GLU A 202 9.88 -1.12 7.18
C GLU A 202 9.80 -2.20 6.11
N LEU A 203 8.74 -2.18 5.33
CA LEU A 203 8.56 -3.17 4.28
C LEU A 203 9.48 -2.87 3.10
N HIS A 204 9.67 -1.58 2.81
CA HIS A 204 10.56 -1.19 1.72
C HIS A 204 11.96 -1.71 2.05
N GLN A 205 12.39 -1.46 3.29
CA GLN A 205 13.70 -1.89 3.75
C GLN A 205 13.83 -3.41 3.63
N PHE A 206 12.80 -4.11 4.09
CA PHE A 206 12.82 -5.57 4.02
C PHE A 206 12.95 -6.02 2.57
N ALA A 207 12.12 -5.47 1.69
CA ALA A 207 12.16 -5.83 0.27
C ALA A 207 13.53 -5.58 -0.33
N PHE A 208 14.12 -4.43 -0.01
CA PHE A 208 15.44 -4.07 -0.53
C PHE A 208 16.50 -5.06 -0.04
N ASP A 209 16.55 -5.31 1.26
CA ASP A 209 17.52 -6.24 1.81
C ASP A 209 17.36 -7.63 1.19
N LEU A 210 16.13 -8.08 1.02
CA LEU A 210 15.87 -9.40 0.43
C LEU A 210 16.35 -9.48 -1.02
N LEU A 211 16.05 -8.47 -1.81
CA LEU A 211 16.48 -8.47 -3.21
C LEU A 211 18.00 -8.59 -3.32
N ILE A 212 18.70 -7.77 -2.55
CA ILE A 212 20.17 -7.79 -2.57
C ILE A 212 20.71 -9.18 -2.27
N LYS A 213 20.08 -9.88 -1.32
CA LYS A 213 20.55 -11.22 -0.98
C LYS A 213 19.64 -12.32 -1.54
N SER A 214 18.80 -11.97 -2.50
CA SER A 214 17.86 -12.92 -3.09
C SER A 214 18.51 -14.21 -3.59
N HIS A 215 19.70 -14.09 -4.16
CA HIS A 215 20.42 -15.24 -4.70
C HIS A 215 20.98 -16.17 -3.62
N MET A 216 20.81 -15.79 -2.36
CA MET A 216 21.32 -16.60 -1.25
C MET A 216 20.23 -17.19 -0.35
N VAL A 217 18.98 -16.81 -0.58
CA VAL A 217 17.87 -17.31 0.22
C VAL A 217 16.82 -18.05 -0.60
N SER A 218 17.18 -18.38 -1.84
CA SER A 218 16.29 -19.11 -2.75
C SER A 218 14.98 -18.38 -3.04
N VAL A 219 15.02 -17.06 -3.01
CA VAL A 219 13.83 -16.26 -3.30
C VAL A 219 13.91 -15.76 -4.74
N ASP A 220 12.76 -15.67 -5.39
CA ASP A 220 12.71 -15.21 -6.78
C ASP A 220 11.92 -13.91 -6.91
N PHE A 221 12.50 -12.93 -7.58
CA PHE A 221 11.82 -11.65 -7.74
C PHE A 221 11.28 -11.39 -9.14
N PRO A 222 9.98 -11.09 -9.24
CA PRO A 222 9.29 -10.81 -10.49
C PRO A 222 9.91 -9.59 -11.14
N GLU A 223 9.81 -9.50 -12.46
CA GLU A 223 10.38 -8.40 -13.24
C GLU A 223 10.10 -6.98 -12.76
N MET A 224 8.83 -6.59 -12.72
CA MET A 224 8.50 -5.22 -12.29
C MET A 224 8.96 -4.92 -10.88
N MET A 225 8.72 -5.85 -9.96
CA MET A 225 9.12 -5.66 -8.57
C MET A 225 10.63 -5.44 -8.43
N ALA A 226 11.42 -6.27 -9.10
CA ALA A 226 12.88 -6.14 -9.04
C ALA A 226 13.36 -4.77 -9.52
N GLU A 227 12.75 -4.26 -10.58
CA GLU A 227 13.10 -2.95 -11.12
C GLU A 227 12.76 -1.86 -10.13
N ILE A 228 11.53 -1.87 -9.63
CA ILE A 228 11.08 -0.87 -8.68
C ILE A 228 11.91 -0.87 -7.39
N ILE A 229 12.23 -2.05 -6.88
CA ILE A 229 13.03 -2.15 -5.67
C ILE A 229 14.46 -1.62 -5.84
N SER A 230 15.01 -1.79 -7.04
CA SER A 230 16.38 -1.35 -7.30
C SER A 230 16.50 0.07 -7.85
N VAL A 231 15.40 0.61 -8.35
CA VAL A 231 15.42 1.96 -8.92
C VAL A 231 14.68 2.97 -8.08
N GLN A 232 13.49 2.62 -7.65
CA GLN A 232 12.66 3.53 -6.87
C GLN A 232 12.80 3.47 -5.36
N VAL A 233 12.74 2.26 -4.79
CA VAL A 233 12.85 2.12 -3.35
C VAL A 233 14.10 2.76 -2.74
N PRO A 234 15.26 2.63 -3.41
CA PRO A 234 16.46 3.25 -2.83
C PRO A 234 16.33 4.77 -2.69
N LYS A 235 15.57 5.40 -3.60
CA LYS A 235 15.36 6.84 -3.54
C LYS A 235 14.61 7.15 -2.24
N ILE A 236 13.72 6.24 -1.85
CA ILE A 236 12.95 6.44 -0.62
C ILE A 236 13.83 6.19 0.61
N LEU A 237 14.56 5.08 0.61
CA LEU A 237 15.43 4.74 1.72
C LEU A 237 16.58 5.73 1.92
N SER A 238 17.02 6.36 0.84
CA SER A 238 18.13 7.31 0.95
C SER A 238 17.61 8.73 1.21
N GLY A 239 16.30 8.86 1.33
CA GLY A 239 15.71 10.16 1.62
C GLY A 239 15.48 11.11 0.46
N LYS A 240 15.67 10.65 -0.77
CA LYS A 240 15.45 11.52 -1.93
C LYS A 240 13.95 11.65 -2.24
N VAL A 241 13.18 10.66 -1.79
CA VAL A 241 11.73 10.63 -1.97
C VAL A 241 11.16 10.44 -0.58
N LYS A 242 10.29 11.35 -0.14
CA LYS A 242 9.75 11.25 1.22
C LYS A 242 8.24 11.36 1.28
N PRO A 243 7.63 10.69 2.26
CA PRO A 243 6.17 10.77 2.39
C PRO A 243 5.76 12.17 2.83
N ILE A 244 4.49 12.51 2.61
CA ILE A 244 3.96 13.78 3.03
C ILE A 244 3.12 13.47 4.25
N TYR A 245 3.54 13.98 5.41
CA TYR A 245 2.80 13.73 6.63
C TYR A 245 1.89 14.91 6.94
N PHE A 246 0.78 14.66 7.61
CA PHE A 246 -0.12 15.73 7.98
C PHE A 246 0.42 16.32 9.28
N HIS A 247 0.88 15.42 10.15
CA HIS A 247 1.39 15.82 11.46
C HIS A 247 2.89 15.63 11.58
#